data_3SSJ
#
_entry.id   3SSJ
#
_cell.length_a   58.416
_cell.length_b   103.592
_cell.length_c   73.673
_cell.angle_alpha   90.00
_cell.angle_beta   90.00
_cell.angle_gamma   90.00
#
_symmetry.space_group_name_H-M   'C 2 2 21'
#
loop_
_entity.id
_entity.type
_entity.pdbx_description
1 polymer "Orotidine 5'-phosphate decarboxylase"
2 non-polymer "6-amino-5-fluorouridine 5'-(dihydrogen phosphate)"
3 non-polymer GLYCEROL
4 water water
#
_entity_poly.entity_id   1
_entity_poly.type   'polypeptide(L)'
_entity_poly.pdbx_seq_one_letter_code
;MRSRRVDVMDVMNRLILAMDLMNRDDALRVTGEVREYIDTVKIGYPLVLSEGMDIIAEFRKRFGCRIIADFKVADIPETN
EKICRATFKAGADAIIVHGFPGADSVRACLNVAEEMGREVFLLTEMSHPGAEMFIQGAADEIARMGVDLGVKNYVGPSTR
PERLSRLREIIGQDSFLISPGVGAQGGDPGETLRFADAIIVGRSIYLADNPAAAAAGIIESIKDLLIPEDPAANKARKEA
ELAAATA
;
_entity_poly.pdbx_strand_id   A
#
# COMPACT_ATOMS: atom_id res chain seq x y z
N VAL A 11 -5.27 -10.00 -4.82
CA VAL A 11 -6.10 -9.27 -3.81
C VAL A 11 -7.58 -9.43 -4.18
N MET A 12 -8.41 -9.80 -3.21
CA MET A 12 -9.80 -10.10 -3.54
C MET A 12 -10.44 -8.89 -4.19
N ASN A 13 -11.00 -9.14 -5.38
CA ASN A 13 -11.66 -8.09 -6.14
C ASN A 13 -10.76 -6.93 -6.53
N ARG A 14 -9.45 -7.10 -6.37
N ARG A 14 -9.46 -7.10 -6.36
CA ARG A 14 -8.47 -6.07 -6.74
CA ARG A 14 -8.46 -6.08 -6.73
C ARG A 14 -8.67 -4.78 -5.93
C ARG A 14 -8.68 -4.78 -5.93
N LEU A 15 -9.21 -4.91 -4.73
CA LEU A 15 -9.60 -3.76 -3.90
C LEU A 15 -9.02 -3.88 -2.51
N ILE A 16 -8.27 -2.86 -2.11
CA ILE A 16 -7.62 -2.80 -0.80
C ILE A 16 -8.25 -1.65 -0.02
N LEU A 17 -8.73 -1.94 1.17
CA LEU A 17 -9.34 -0.91 2.02
C LEU A 17 -8.25 -0.11 2.75
N ALA A 18 -8.27 1.22 2.61
CA ALA A 18 -7.40 2.08 3.42
C ALA A 18 -8.17 2.44 4.69
N MET A 19 -7.85 1.75 5.78
CA MET A 19 -8.62 1.93 7.00
C MET A 19 -7.97 3.01 7.86
N ASP A 20 -8.38 4.26 7.60
CA ASP A 20 -7.82 5.44 8.27
C ASP A 20 -8.77 6.10 9.27
N LEU A 21 -9.81 5.38 9.67
CA LEU A 21 -10.54 5.78 10.87
C LEU A 21 -9.62 5.65 12.09
N MET A 22 -9.86 6.46 13.10
CA MET A 22 -8.91 6.61 14.20
C MET A 22 -9.43 6.07 15.51
N ASN A 23 -10.59 5.44 15.51
N ASN A 23 -10.57 5.39 15.43
CA ASN A 23 -10.95 4.75 16.72
CA ASN A 23 -11.25 4.81 16.57
C ASN A 23 -11.35 3.35 16.37
C ASN A 23 -11.39 3.31 16.33
N ARG A 24 -10.99 2.46 17.28
CA ARG A 24 -11.05 1.02 17.08
C ARG A 24 -12.47 0.52 16.79
N ASP A 25 -13.46 1.08 17.48
CA ASP A 25 -14.82 0.58 17.29
C ASP A 25 -15.32 0.88 15.88
N ASP A 26 -15.11 2.11 15.41
CA ASP A 26 -15.52 2.46 14.04
C ASP A 26 -14.69 1.67 12.98
N ALA A 27 -13.39 1.54 13.21
CA ALA A 27 -12.53 0.80 12.27
C ALA A 27 -12.94 -0.67 12.17
N LEU A 28 -13.27 -1.27 13.32
CA LEU A 28 -13.72 -2.66 13.32
C LEU A 28 -15.09 -2.81 12.65
N ARG A 29 -15.99 -1.87 12.89
CA ARG A 29 -17.32 -1.93 12.29
C ARG A 29 -17.21 -1.88 10.77
N VAL A 30 -16.53 -0.85 10.26
CA VAL A 30 -16.48 -0.68 8.81
C VAL A 30 -15.76 -1.85 8.14
N THR A 31 -14.62 -2.26 8.68
CA THR A 31 -13.88 -3.37 8.11
C THR A 31 -14.72 -4.66 8.07
N GLY A 32 -15.43 -4.94 9.17
CA GLY A 32 -16.34 -6.11 9.19
C GLY A 32 -17.44 -6.01 8.15
N GLU A 33 -17.96 -4.80 7.94
CA GLU A 33 -19.06 -4.62 6.99
C GLU A 33 -18.61 -4.88 5.55
N VAL A 34 -17.34 -4.58 5.23
CA VAL A 34 -16.90 -4.70 3.85
C VAL A 34 -16.03 -5.93 3.58
N ARG A 35 -15.87 -6.77 4.60
CA ARG A 35 -14.98 -7.94 4.51
C ARG A 35 -15.37 -8.95 3.42
N GLU A 36 -16.63 -9.02 3.03
CA GLU A 36 -16.99 -9.97 1.99
C GLU A 36 -16.46 -9.52 0.63
N TYR A 37 -16.06 -8.25 0.52
CA TYR A 37 -15.58 -7.64 -0.72
C TYR A 37 -14.06 -7.46 -0.81
N ILE A 38 -13.34 -7.58 0.32
N ILE A 38 -13.41 -7.50 0.36
CA ILE A 38 -11.87 -7.43 0.30
CA ILE A 38 -12.05 -7.05 0.52
C ILE A 38 -11.10 -8.61 0.89
C ILE A 38 -11.40 -7.98 1.53
N ASP A 39 -9.80 -8.66 0.58
N ASP A 39 -10.26 -8.57 1.14
CA ASP A 39 -8.91 -9.68 1.12
CA ASP A 39 -9.47 -9.40 2.02
C ASP A 39 -7.79 -8.99 1.88
C ASP A 39 -8.10 -8.81 2.40
N THR A 40 -7.73 -7.66 1.82
CA THR A 40 -6.50 -6.95 2.16
C THR A 40 -6.82 -5.56 2.71
N VAL A 41 -6.28 -5.26 3.88
CA VAL A 41 -6.52 -3.98 4.55
C VAL A 41 -5.18 -3.28 4.72
N LYS A 42 -5.15 -2.02 4.30
CA LYS A 42 -3.99 -1.15 4.54
C LYS A 42 -4.25 -0.40 5.84
N ILE A 43 -3.37 -0.57 6.83
CA ILE A 43 -3.47 0.12 8.12
C ILE A 43 -2.28 1.08 8.18
N GLY A 44 -2.56 2.34 8.48
CA GLY A 44 -1.51 3.35 8.57
C GLY A 44 -1.41 3.93 9.96
N TYR A 45 -0.62 4.99 10.04
CA TYR A 45 -0.39 5.65 11.31
C TYR A 45 -1.65 6.31 11.93
N PRO A 46 -2.62 6.79 11.14
CA PRO A 46 -3.82 7.35 11.81
C PRO A 46 -4.44 6.36 12.81
N LEU A 47 -4.59 5.11 12.39
CA LEU A 47 -5.15 4.10 13.27
C LEU A 47 -4.14 3.58 14.28
N VAL A 48 -2.92 3.26 13.83
CA VAL A 48 -1.91 2.72 14.74
C VAL A 48 -1.51 3.70 15.86
N LEU A 49 -1.38 4.99 15.55
CA LEU A 49 -0.96 5.96 16.58
C LEU A 49 -2.13 6.28 17.51
N SER A 50 -3.35 5.94 17.12
CA SER A 50 -4.50 6.17 17.99
C SER A 50 -4.84 4.96 18.85
N GLU A 51 -4.62 3.75 18.34
CA GLU A 51 -5.07 2.53 19.00
C GLU A 51 -3.97 1.52 19.35
N GLY A 52 -2.75 1.77 18.86
CA GLY A 52 -1.62 0.89 19.16
C GLY A 52 -1.32 -0.13 18.09
N MET A 53 -0.08 -0.61 18.07
CA MET A 53 0.34 -1.63 17.14
C MET A 53 -0.41 -2.96 17.26
N ASP A 54 -1.03 -3.22 18.41
N ASP A 54 -1.03 -3.24 18.41
CA ASP A 54 -1.79 -4.46 18.62
CA ASP A 54 -1.75 -4.49 18.56
C ASP A 54 -3.01 -4.53 17.70
C ASP A 54 -2.94 -4.55 17.60
N ILE A 55 -3.39 -3.40 17.11
CA ILE A 55 -4.52 -3.38 16.19
C ILE A 55 -4.24 -4.21 14.93
N ILE A 56 -2.97 -4.35 14.56
CA ILE A 56 -2.61 -5.11 13.36
C ILE A 56 -2.95 -6.59 13.55
N ALA A 57 -2.48 -7.18 14.64
CA ALA A 57 -2.75 -8.59 14.91
C ALA A 57 -4.24 -8.77 15.15
N GLU A 58 -4.90 -7.81 15.80
CA GLU A 58 -6.35 -7.94 16.03
C GLU A 58 -7.11 -8.05 14.71
N PHE A 59 -6.80 -7.17 13.76
CA PHE A 59 -7.46 -7.20 12.45
C PHE A 59 -7.14 -8.48 11.71
N ARG A 60 -5.87 -8.86 11.70
CA ARG A 60 -5.46 -10.04 10.97
C ARG A 60 -6.25 -11.26 11.47
N LYS A 61 -6.42 -11.37 12.79
CA LYS A 61 -7.15 -12.50 13.40
C LYS A 61 -8.65 -12.42 13.15
N ARG A 62 -9.25 -11.27 13.47
N ARG A 62 -9.26 -11.29 13.49
CA ARG A 62 -10.71 -11.07 13.43
CA ARG A 62 -10.71 -11.13 13.41
C ARG A 62 -11.31 -11.10 12.03
C ARG A 62 -11.21 -11.31 11.98
N PHE A 63 -10.52 -10.68 11.04
CA PHE A 63 -11.00 -10.66 9.66
C PHE A 63 -10.28 -11.64 8.73
N GLY A 64 -9.18 -12.23 9.18
CA GLY A 64 -8.41 -13.16 8.34
C GLY A 64 -8.01 -12.53 7.03
N CYS A 65 -7.62 -11.26 7.14
N CYS A 65 -7.42 -11.34 7.05
CA CYS A 65 -7.22 -10.43 6.02
CA CYS A 65 -6.94 -10.65 5.82
C CYS A 65 -5.72 -10.28 6.12
C CYS A 65 -5.40 -10.50 5.75
N ARG A 66 -5.11 -10.01 4.98
N ARG A 66 -4.86 -10.03 4.62
CA ARG A 66 -3.71 -9.61 4.96
CA ARG A 66 -3.48 -9.56 4.57
C ARG A 66 -3.68 -8.14 5.36
C ARG A 66 -3.49 -8.10 5.06
N ILE A 67 -2.55 -7.73 5.93
CA ILE A 67 -2.38 -6.35 6.39
C ILE A 67 -1.13 -5.73 5.78
N ILE A 68 -1.33 -4.61 5.09
CA ILE A 68 -0.21 -3.80 4.62
C ILE A 68 -0.05 -2.65 5.60
N ALA A 69 1.12 -2.54 6.24
CA ALA A 69 1.40 -1.42 7.15
C ALA A 69 1.89 -0.24 6.34
N ASP A 70 1.02 0.78 6.22
CA ASP A 70 1.35 1.95 5.42
C ASP A 70 2.09 2.97 6.25
N PHE A 71 3.37 2.74 6.43
CA PHE A 71 4.17 3.54 7.34
C PHE A 71 5.10 4.50 6.59
N LYS A 72 5.09 4.44 5.26
N LYS A 72 5.08 4.52 5.26
CA LYS A 72 5.88 5.31 4.36
CA LYS A 72 5.81 5.55 4.52
C LYS A 72 7.24 5.58 4.97
C LYS A 72 7.28 5.62 4.99
N VAL A 73 7.92 4.48 5.22
CA VAL A 73 9.17 4.48 5.98
C VAL A 73 10.17 5.35 5.23
N ALA A 74 10.77 6.29 5.94
CA ALA A 74 11.54 7.35 5.25
C ALA A 74 12.66 7.86 6.12
N ASP A 75 13.39 6.96 6.74
CA ASP A 75 14.47 7.32 7.65
C ASP A 75 15.81 6.80 7.11
N ILE A 76 16.85 6.96 7.93
CA ILE A 76 18.18 6.42 7.62
C ILE A 76 18.12 4.89 7.73
N PRO A 77 19.10 4.18 7.15
CA PRO A 77 19.03 2.74 7.16
C PRO A 77 18.86 2.11 8.55
N GLU A 78 19.60 2.60 9.55
CA GLU A 78 19.56 1.97 10.87
C GLU A 78 18.18 2.09 11.52
N THR A 79 17.55 3.27 11.37
CA THR A 79 16.22 3.48 11.91
C THR A 79 15.18 2.70 11.11
N ASN A 80 15.32 2.67 9.77
CA ASN A 80 14.41 1.89 8.96
C ASN A 80 14.39 0.45 9.38
N GLU A 81 15.56 -0.11 9.69
N GLU A 81 15.55 -0.13 9.71
CA GLU A 81 15.65 -1.51 10.10
CA GLU A 81 15.58 -1.53 10.14
C GLU A 81 14.79 -1.76 11.33
C GLU A 81 14.76 -1.73 11.40
N LYS A 82 14.91 -0.86 12.32
N LYS A 82 14.90 -0.81 12.34
CA LYS A 82 14.13 -0.98 13.53
CA LYS A 82 14.16 -0.89 13.59
C LYS A 82 12.64 -0.86 13.31
C LYS A 82 12.65 -0.78 13.39
N ILE A 83 12.22 0.13 12.51
CA ILE A 83 10.80 0.31 12.22
C ILE A 83 10.24 -0.95 11.56
N CYS A 84 10.96 -1.50 10.59
CA CYS A 84 10.51 -2.72 9.92
C CYS A 84 10.42 -3.90 10.87
N ARG A 85 11.39 -4.07 11.76
N ARG A 85 11.42 -4.05 11.72
CA ARG A 85 11.36 -5.20 12.67
CA ARG A 85 11.43 -5.13 12.69
C ARG A 85 10.19 -5.09 13.64
C ARG A 85 10.17 -5.05 13.54
N ALA A 86 9.91 -3.89 14.13
CA ALA A 86 8.77 -3.71 15.03
C ALA A 86 7.45 -3.96 14.32
N THR A 87 7.38 -3.59 13.04
CA THR A 87 6.18 -3.69 12.25
C THR A 87 5.87 -5.14 11.91
N PHE A 88 6.91 -5.88 11.51
CA PHE A 88 6.69 -7.31 11.22
C PHE A 88 6.46 -8.11 12.50
N LYS A 89 7.10 -7.76 13.59
CA LYS A 89 6.82 -8.37 14.89
C LYS A 89 5.35 -8.25 15.27
N ALA A 90 4.74 -7.11 14.91
CA ALA A 90 3.33 -6.86 15.17
C ALA A 90 2.39 -7.61 14.23
N GLY A 91 2.93 -8.30 13.23
CA GLY A 91 2.14 -9.19 12.41
C GLY A 91 1.81 -8.66 11.04
N ALA A 92 2.34 -7.50 10.63
CA ALA A 92 2.06 -7.02 9.29
C ALA A 92 2.62 -7.94 8.21
N ASP A 93 1.88 -8.10 7.12
CA ASP A 93 2.36 -8.90 5.99
C ASP A 93 3.34 -8.15 5.10
N ALA A 94 3.18 -6.82 5.04
CA ALA A 94 3.99 -6.00 4.14
C ALA A 94 4.09 -4.61 4.74
N ILE A 95 5.08 -3.85 4.28
CA ILE A 95 5.26 -2.47 4.71
C ILE A 95 5.52 -1.59 3.50
N ILE A 96 4.94 -0.39 3.48
CA ILE A 96 5.20 0.61 2.44
C ILE A 96 6.36 1.50 2.85
N VAL A 97 7.33 1.60 1.93
CA VAL A 97 8.60 2.28 2.16
C VAL A 97 8.78 3.35 1.10
N HIS A 98 9.14 4.57 1.49
CA HIS A 98 9.50 5.59 0.48
C HIS A 98 10.81 5.27 -0.20
N GLY A 99 10.83 5.53 -1.51
CA GLY A 99 12.08 5.40 -2.26
C GLY A 99 12.92 6.66 -2.27
N PHE A 100 12.31 7.82 -2.04
N PHE A 100 12.33 7.83 -2.04
CA PHE A 100 12.99 9.12 -2.15
CA PHE A 100 13.11 9.04 -2.21
C PHE A 100 14.25 9.24 -1.25
C PHE A 100 14.33 9.17 -1.28
N PRO A 101 14.30 8.58 -0.06
CA PRO A 101 15.54 8.67 0.74
C PRO A 101 16.71 7.85 0.21
N GLY A 102 16.52 7.07 -0.86
CA GLY A 102 17.66 6.44 -1.52
C GLY A 102 17.81 4.95 -1.27
N ALA A 103 18.81 4.36 -1.94
CA ALA A 103 18.89 2.91 -2.02
C ALA A 103 19.29 2.22 -0.74
N ASP A 104 20.17 2.83 0.05
CA ASP A 104 20.55 2.22 1.32
C ASP A 104 19.36 2.13 2.27
N SER A 105 18.53 3.17 2.35
CA SER A 105 17.33 3.13 3.20
C SER A 105 16.36 2.05 2.74
N VAL A 106 16.21 1.89 1.42
CA VAL A 106 15.32 0.83 0.92
C VAL A 106 15.91 -0.55 1.20
N ARG A 107 17.22 -0.74 0.98
N ARG A 107 17.22 -0.71 0.98
CA ARG A 107 17.82 -2.06 1.20
CA ARG A 107 17.90 -1.98 1.20
C ARG A 107 17.75 -2.47 2.66
C ARG A 107 17.71 -2.45 2.64
N ALA A 108 17.79 -1.52 3.58
CA ALA A 108 17.65 -1.85 4.99
C ALA A 108 16.29 -2.51 5.24
N CYS A 109 15.23 -2.01 4.60
CA CYS A 109 13.90 -2.58 4.75
C CYS A 109 13.81 -3.93 4.08
N LEU A 110 14.42 -4.05 2.90
CA LEU A 110 14.43 -5.33 2.19
C LEU A 110 15.16 -6.37 3.01
N ASN A 111 16.25 -6.01 3.69
CA ASN A 111 16.95 -7.00 4.50
C ASN A 111 16.12 -7.52 5.65
N VAL A 112 15.41 -6.65 6.35
CA VAL A 112 14.54 -7.12 7.42
C VAL A 112 13.38 -7.95 6.87
N ALA A 113 12.79 -7.54 5.75
CA ALA A 113 11.73 -8.35 5.15
C ALA A 113 12.23 -9.75 4.79
N GLU A 114 13.46 -9.85 4.28
N GLU A 114 13.43 -9.86 4.23
CA GLU A 114 14.07 -11.15 3.95
CA GLU A 114 13.95 -11.18 3.89
C GLU A 114 14.30 -11.99 5.21
C GLU A 114 14.10 -12.00 5.17
N GLU A 115 14.65 -11.35 6.33
N GLU A 115 14.78 -11.44 6.17
CA GLU A 115 14.82 -12.07 7.59
CA GLU A 115 15.06 -12.15 7.41
C GLU A 115 13.50 -12.57 8.19
C GLU A 115 13.80 -12.67 8.08
N MET A 116 12.41 -11.86 7.91
N MET A 116 12.71 -11.90 7.96
CA MET A 116 11.17 -12.12 8.63
CA MET A 116 11.45 -12.20 8.68
C MET A 116 10.16 -12.76 7.73
C MET A 116 10.32 -12.78 7.80
N GLY A 117 10.57 -13.02 6.51
CA GLY A 117 9.64 -13.65 5.56
C GLY A 117 8.49 -12.77 5.12
N ARG A 118 8.75 -11.46 4.99
N ARG A 118 8.70 -11.46 4.97
CA ARG A 118 7.74 -10.44 4.72
CA ARG A 118 7.61 -10.55 4.60
C ARG A 118 8.08 -9.71 3.44
C ARG A 118 7.92 -9.73 3.32
N GLU A 119 7.26 -8.73 3.07
N GLU A 119 7.08 -8.74 3.04
CA GLU A 119 7.46 -8.01 1.82
CA GLU A 119 7.18 -7.98 1.78
C GLU A 119 7.42 -6.50 1.97
C GLU A 119 7.41 -6.48 2.00
N VAL A 120 8.14 -5.85 1.07
CA VAL A 120 8.26 -4.39 1.01
C VAL A 120 7.52 -3.91 -0.26
N PHE A 121 6.70 -2.86 -0.10
CA PHE A 121 6.13 -2.11 -1.22
C PHE A 121 6.89 -0.81 -1.36
N LEU A 122 7.47 -0.56 -2.52
CA LEU A 122 8.20 0.69 -2.77
C LEU A 122 7.29 1.77 -3.31
N LEU A 123 7.17 2.86 -2.57
CA LEU A 123 6.40 4.01 -3.03
C LEU A 123 7.27 4.86 -3.95
N THR A 124 6.76 5.02 -5.17
CA THR A 124 7.45 5.75 -6.23
C THR A 124 6.88 7.18 -6.23
N GLU A 125 5.85 7.45 -7.01
CA GLU A 125 5.23 8.77 -7.06
C GLU A 125 3.97 8.74 -6.24
N MET A 126 3.74 9.82 -5.49
CA MET A 126 2.54 9.95 -4.65
C MET A 126 1.38 10.59 -5.40
N SER A 127 0.19 10.47 -4.86
CA SER A 127 -1.03 10.82 -5.60
C SER A 127 -1.49 12.27 -5.42
N HIS A 128 -0.98 12.99 -4.41
CA HIS A 128 -1.50 14.32 -4.08
C HIS A 128 -0.82 15.40 -4.91
N PRO A 129 -1.41 16.59 -4.98
CA PRO A 129 -0.82 17.66 -5.82
C PRO A 129 0.63 18.00 -5.52
N GLY A 130 0.98 18.07 -4.24
CA GLY A 130 2.35 18.40 -3.86
C GLY A 130 3.39 17.42 -4.38
N ALA A 131 2.99 16.19 -4.76
CA ALA A 131 3.94 15.24 -5.33
C ALA A 131 4.60 15.77 -6.61
N GLU A 132 3.95 16.73 -7.26
CA GLU A 132 4.54 17.32 -8.47
C GLU A 132 5.80 18.14 -8.19
N MET A 133 5.99 18.59 -6.96
CA MET A 133 7.06 19.55 -6.68
C MET A 133 8.44 18.89 -6.75
N PHE A 134 8.59 17.77 -6.06
CA PHE A 134 9.89 17.08 -5.95
C PHE A 134 9.82 15.59 -6.28
N ILE A 135 8.75 14.90 -5.88
CA ILE A 135 8.72 13.45 -6.06
C ILE A 135 8.58 13.05 -7.53
N GLN A 136 7.68 13.71 -8.26
CA GLN A 136 7.43 13.31 -9.64
C GLN A 136 8.69 13.31 -10.50
N GLY A 137 9.54 14.32 -10.34
CA GLY A 137 10.76 14.38 -11.15
C GLY A 137 11.77 13.29 -10.82
N ALA A 138 11.67 12.71 -9.64
CA ALA A 138 12.57 11.62 -9.23
C ALA A 138 11.95 10.23 -9.42
N ALA A 139 10.63 10.17 -9.70
CA ALA A 139 9.89 8.92 -9.55
C ALA A 139 10.29 7.82 -10.51
N ASP A 140 10.59 8.19 -11.76
CA ASP A 140 11.06 7.16 -12.71
C ASP A 140 12.35 6.51 -12.22
N GLU A 141 13.27 7.35 -11.75
N GLU A 141 13.27 7.33 -11.74
CA GLU A 141 14.56 6.92 -11.19
CA GLU A 141 14.52 6.84 -11.21
C GLU A 141 14.42 6.13 -9.89
C GLU A 141 14.30 6.00 -9.96
N ILE A 142 13.41 6.46 -9.09
CA ILE A 142 13.08 5.70 -7.89
C ILE A 142 12.59 4.32 -8.31
N ALA A 143 11.71 4.25 -9.30
CA ALA A 143 11.25 2.96 -9.81
C ALA A 143 12.40 2.08 -10.36
N ARG A 144 13.29 2.70 -11.14
N ARG A 144 13.30 2.69 -11.14
N ARG A 144 13.29 2.70 -11.14
CA ARG A 144 14.44 1.99 -11.69
CA ARG A 144 14.45 1.96 -11.70
CA ARG A 144 14.42 1.96 -11.68
C ARG A 144 15.33 1.44 -10.57
C ARG A 144 15.43 1.50 -10.62
C ARG A 144 15.28 1.42 -10.54
N MET A 145 15.51 2.26 -9.53
CA MET A 145 16.28 1.85 -8.34
C MET A 145 15.61 0.61 -7.72
N GLY A 146 14.28 0.66 -7.58
CA GLY A 146 13.57 -0.52 -7.10
C GLY A 146 13.87 -1.76 -7.91
N VAL A 147 13.79 -1.64 -9.23
CA VAL A 147 14.06 -2.79 -10.10
C VAL A 147 15.49 -3.32 -9.84
N ASP A 148 16.45 -2.40 -9.75
N ASP A 148 16.46 -2.42 -9.78
CA ASP A 148 17.87 -2.72 -9.51
CA ASP A 148 17.85 -2.80 -9.52
C ASP A 148 18.15 -3.37 -8.15
C ASP A 148 17.99 -3.56 -8.19
N LEU A 149 17.28 -3.08 -7.17
CA LEU A 149 17.33 -3.70 -5.83
C LEU A 149 16.53 -4.98 -5.70
N GLY A 150 15.79 -5.35 -6.75
CA GLY A 150 15.00 -6.57 -6.70
C GLY A 150 13.62 -6.40 -6.07
N VAL A 151 13.17 -5.17 -5.94
CA VAL A 151 11.82 -4.91 -5.43
C VAL A 151 10.78 -5.46 -6.42
N LYS A 152 9.76 -6.13 -5.89
CA LYS A 152 8.70 -6.71 -6.71
C LYS A 152 7.36 -6.05 -6.54
N ASN A 153 7.20 -5.19 -5.53
CA ASN A 153 5.90 -4.60 -5.16
C ASN A 153 6.05 -3.10 -5.08
N TYR A 154 5.13 -2.37 -5.70
CA TYR A 154 5.25 -0.93 -5.89
C TYR A 154 3.91 -0.24 -5.68
N VAL A 155 4.01 1.06 -5.35
CA VAL A 155 2.84 1.93 -5.21
C VAL A 155 3.02 3.12 -6.16
N GLY A 156 1.95 3.46 -6.87
CA GLY A 156 1.98 4.61 -7.78
C GLY A 156 0.57 5.18 -7.89
N PRO A 157 0.43 6.37 -8.51
CA PRO A 157 -0.73 7.25 -8.28
C PRO A 157 -1.94 7.08 -9.22
N SER A 158 -3.11 6.85 -8.67
CA SER A 158 -4.35 6.74 -9.46
C SER A 158 -4.67 8.08 -10.10
N THR A 159 -4.29 9.17 -9.48
CA THR A 159 -4.60 10.52 -9.95
C THR A 159 -3.84 10.91 -11.22
N ARG A 160 -2.81 10.14 -11.60
CA ARG A 160 -2.05 10.42 -12.81
C ARG A 160 -1.83 9.11 -13.58
N PRO A 161 -2.85 8.67 -14.35
CA PRO A 161 -2.69 7.37 -15.03
C PRO A 161 -1.58 7.36 -16.09
N GLU A 162 -1.20 8.51 -16.66
CA GLU A 162 -0.07 8.52 -17.57
C GLU A 162 1.24 8.23 -16.83
N ARG A 163 1.32 8.68 -15.57
CA ARG A 163 2.48 8.36 -14.71
C ARG A 163 2.43 6.90 -14.29
N LEU A 164 1.24 6.41 -13.97
N LEU A 164 1.25 6.39 -13.94
CA LEU A 164 1.06 5.03 -13.59
CA LEU A 164 1.06 4.97 -13.64
C LEU A 164 1.42 4.08 -14.76
C LEU A 164 1.58 4.13 -14.79
N SER A 165 1.15 4.49 -16.01
CA SER A 165 1.55 3.74 -17.19
C SER A 165 3.07 3.71 -17.33
N ARG A 166 3.72 4.86 -17.18
N ARG A 166 3.70 4.87 -17.17
CA ARG A 166 5.18 4.90 -17.23
CA ARG A 166 5.17 4.98 -17.26
C ARG A 166 5.79 4.00 -16.14
C ARG A 166 5.86 4.19 -16.14
N LEU A 167 5.29 4.14 -14.92
N LEU A 167 5.25 4.18 -14.96
CA LEU A 167 5.83 3.33 -13.83
CA LEU A 167 5.74 3.37 -13.83
C LEU A 167 5.66 1.83 -14.10
C LEU A 167 5.67 1.88 -14.15
N ARG A 168 4.51 1.44 -14.63
CA ARG A 168 4.32 0.06 -15.08
C ARG A 168 5.35 -0.35 -16.13
N GLU A 169 5.65 0.56 -17.04
N GLU A 169 5.61 0.52 -17.08
CA GLU A 169 6.61 0.30 -18.12
CA GLU A 169 6.63 0.25 -18.09
C GLU A 169 8.04 0.08 -17.58
C GLU A 169 7.94 -0.12 -17.40
N ILE A 170 8.36 0.72 -16.45
CA ILE A 170 9.66 0.55 -15.82
C ILE A 170 9.74 -0.75 -15.02
N ILE A 171 8.70 -1.02 -14.22
CA ILE A 171 8.75 -2.17 -13.32
C ILE A 171 8.42 -3.49 -14.01
N GLY A 172 7.84 -3.40 -15.21
CA GLY A 172 7.44 -4.60 -15.95
C GLY A 172 6.15 -5.24 -15.51
N GLN A 173 5.68 -6.22 -16.28
CA GLN A 173 4.39 -6.87 -16.04
C GLN A 173 4.39 -7.85 -14.87
N ASP A 174 5.54 -8.37 -14.48
N ASP A 174 5.59 -8.30 -14.49
CA ASP A 174 5.50 -9.34 -13.39
CA ASP A 174 5.87 -9.28 -13.45
C ASP A 174 5.43 -8.64 -12.03
C ASP A 174 5.89 -8.71 -12.03
N SER A 175 5.88 -7.39 -11.93
CA SER A 175 5.84 -6.69 -10.65
C SER A 175 4.39 -6.45 -10.26
N PHE A 176 4.15 -6.32 -8.96
CA PHE A 176 2.81 -6.07 -8.41
C PHE A 176 2.70 -4.59 -8.08
N LEU A 177 1.66 -3.93 -8.57
CA LEU A 177 1.53 -2.47 -8.43
C LEU A 177 0.17 -2.16 -7.85
N ILE A 178 0.18 -1.44 -6.72
CA ILE A 178 -1.07 -0.99 -6.10
C ILE A 178 -1.14 0.52 -6.16
N SER A 179 -2.37 1.03 -6.16
CA SER A 179 -2.55 2.46 -6.50
C SER A 179 -3.62 3.14 -5.65
N PRO A 180 -3.23 4.15 -4.84
CA PRO A 180 -4.17 4.97 -4.09
C PRO A 180 -4.53 6.24 -4.85
N GLY A 181 -5.52 6.95 -4.32
CA GLY A 181 -6.05 8.16 -4.96
C GLY A 181 -7.34 7.92 -5.72
N VAL A 182 -7.98 6.78 -5.50
CA VAL A 182 -9.24 6.44 -6.15
C VAL A 182 -10.40 6.99 -5.34
N GLY A 183 -11.33 7.67 -5.99
CA GLY A 183 -12.53 8.18 -5.33
C GLY A 183 -12.29 9.59 -4.82
N ALA A 184 -12.03 9.72 -3.54
CA ALA A 184 -11.94 11.05 -2.94
C ALA A 184 -10.94 11.98 -3.64
N GLN A 185 -9.78 11.45 -4.02
CA GLN A 185 -8.75 12.26 -4.63
C GLN A 185 -8.93 12.45 -6.11
N GLY A 186 -9.91 11.76 -6.69
CA GLY A 186 -10.27 12.00 -8.10
C GLY A 186 -9.97 10.87 -9.05
N GLY A 187 -9.24 9.86 -8.62
CA GLY A 187 -8.90 8.73 -9.49
C GLY A 187 -10.10 7.84 -9.78
N ASP A 188 -10.03 7.14 -10.91
CA ASP A 188 -11.11 6.26 -11.37
C ASP A 188 -10.71 4.81 -11.20
N PRO A 189 -11.60 3.96 -10.63
CA PRO A 189 -11.24 2.56 -10.46
C PRO A 189 -10.80 1.85 -11.75
N GLY A 190 -11.64 1.93 -12.78
CA GLY A 190 -11.37 1.18 -14.01
C GLY A 190 -10.14 1.65 -14.76
N GLU A 191 -9.96 2.96 -14.90
CA GLU A 191 -8.78 3.50 -15.55
C GLU A 191 -7.49 3.10 -14.80
N THR A 192 -7.56 3.17 -13.48
CA THR A 192 -6.38 2.83 -12.68
C THR A 192 -5.97 1.36 -12.87
N LEU A 193 -6.97 0.48 -12.95
CA LEU A 193 -6.74 -0.95 -13.13
C LEU A 193 -6.29 -1.34 -14.55
N ARG A 194 -6.20 -0.38 -15.46
CA ARG A 194 -5.54 -0.65 -16.73
C ARG A 194 -4.06 -0.92 -16.47
N PHE A 195 -3.51 -0.32 -15.39
CA PHE A 195 -2.07 -0.35 -15.12
C PHE A 195 -1.71 -1.01 -13.79
N ALA A 196 -2.51 -0.75 -12.76
CA ALA A 196 -2.27 -1.31 -11.42
C ALA A 196 -2.94 -2.66 -11.31
N ASP A 197 -2.40 -3.52 -10.46
CA ASP A 197 -3.06 -4.78 -10.13
C ASP A 197 -4.19 -4.65 -9.14
N ALA A 198 -4.08 -3.66 -8.24
CA ALA A 198 -5.13 -3.42 -7.25
C ALA A 198 -5.21 -1.94 -6.97
N ILE A 199 -6.40 -1.51 -6.57
CA ILE A 199 -6.63 -0.14 -6.13
C ILE A 199 -6.80 -0.09 -4.63
N ILE A 200 -6.33 1.02 -4.06
CA ILE A 200 -6.53 1.33 -2.66
C ILE A 200 -7.64 2.38 -2.56
N VAL A 201 -8.62 2.13 -1.69
CA VAL A 201 -9.74 3.06 -1.49
C VAL A 201 -9.98 3.24 0.00
N GLY A 202 -9.96 4.50 0.43
CA GLY A 202 -10.23 4.85 1.83
C GLY A 202 -11.59 5.53 1.98
N ARG A 203 -11.60 6.85 1.93
CA ARG A 203 -12.80 7.63 2.29
C ARG A 203 -14.04 7.27 1.48
N SER A 204 -13.91 6.95 0.21
CA SER A 204 -15.09 6.64 -0.61
C SER A 204 -15.83 5.45 -0.04
N ILE A 205 -15.14 4.59 0.70
CA ILE A 205 -15.76 3.49 1.42
C ILE A 205 -16.02 3.87 2.88
N TYR A 206 -14.99 4.28 3.64
CA TYR A 206 -15.16 4.36 5.09
C TYR A 206 -15.97 5.56 5.57
N LEU A 207 -16.16 6.57 4.74
CA LEU A 207 -17.05 7.70 5.05
C LEU A 207 -18.43 7.59 4.44
N ALA A 208 -18.67 6.54 3.67
CA ALA A 208 -19.97 6.33 3.06
C ALA A 208 -21.04 6.02 4.11
N ASP A 209 -22.27 6.42 3.82
CA ASP A 209 -23.37 6.05 4.72
C ASP A 209 -23.48 4.54 4.81
N ASN A 210 -23.19 3.83 3.72
CA ASN A 210 -23.21 2.36 3.68
C ASN A 210 -21.91 1.89 3.02
N PRO A 211 -20.87 1.66 3.84
CA PRO A 211 -19.60 1.19 3.28
C PRO A 211 -19.66 -0.07 2.45
N ALA A 212 -20.47 -1.05 2.84
CA ALA A 212 -20.63 -2.26 2.04
C ALA A 212 -21.21 -1.95 0.65
N ALA A 213 -22.20 -1.06 0.59
CA ALA A 213 -22.76 -0.67 -0.69
C ALA A 213 -21.73 0.08 -1.53
N ALA A 214 -20.93 0.93 -0.89
CA ALA A 214 -19.88 1.64 -1.62
C ALA A 214 -18.82 0.69 -2.19
N ALA A 215 -18.36 -0.25 -1.37
CA ALA A 215 -17.44 -1.31 -1.87
C ALA A 215 -18.05 -2.11 -2.99
N ALA A 216 -19.30 -2.52 -2.82
CA ALA A 216 -19.98 -3.33 -3.83
C ALA A 216 -20.10 -2.57 -5.14
N GLY A 217 -20.38 -1.27 -5.06
CA GLY A 217 -20.49 -0.42 -6.22
C GLY A 217 -19.18 -0.31 -6.99
N ILE A 218 -18.08 -0.16 -6.25
CA ILE A 218 -16.76 -0.14 -6.89
C ILE A 218 -16.47 -1.46 -7.58
N ILE A 219 -16.74 -2.57 -6.91
CA ILE A 219 -16.48 -3.90 -7.48
C ILE A 219 -17.30 -4.15 -8.75
N GLU A 220 -18.57 -3.76 -8.72
N GLU A 220 -18.56 -3.72 -8.75
CA GLU A 220 -19.42 -3.85 -9.90
CA GLU A 220 -19.43 -3.88 -9.93
C GLU A 220 -18.79 -3.12 -11.08
C GLU A 220 -19.09 -2.93 -11.07
N SER A 221 -18.27 -1.92 -10.81
CA SER A 221 -17.77 -1.04 -11.86
C SER A 221 -16.50 -1.56 -12.51
N ILE A 222 -15.87 -2.54 -11.88
N ILE A 222 -15.86 -2.54 -11.87
CA ILE A 222 -14.60 -3.11 -12.38
CA ILE A 222 -14.60 -3.12 -12.37
C ILE A 222 -14.67 -4.61 -12.71
C ILE A 222 -14.65 -4.62 -12.65
N LYS A 223 -15.80 -5.24 -12.41
CA LYS A 223 -16.04 -6.63 -12.83
C LYS A 223 -16.29 -6.64 -14.33
N ASP A 224 -16.92 -5.57 -14.82
CA ASP A 224 -17.20 -5.40 -16.23
C ASP A 224 -16.05 -4.69 -16.95
#